data_1B1H
#
_entry.id   1B1H
#
_cell.length_a   109.722
_cell.length_b   75.953
_cell.length_c   70.424
_cell.angle_alpha   90.00
_cell.angle_beta   90.00
_cell.angle_gamma   90.00
#
_symmetry.space_group_name_H-M   'P 21 21 21'
#
loop_
_entity.id
_entity.type
_entity.pdbx_description
1 polymer 'PROTEIN (OLIGO-PEPTIDE BINDING PROTEIN)'
2 polymer 'PROTEIN (LYS HPE LYS)'
3 non-polymer 'URANYL (VI) ION'
4 water water
#
loop_
_entity_poly.entity_id
_entity_poly.type
_entity_poly.pdbx_seq_one_letter_code
_entity_poly.pdbx_strand_id
1 'polypeptide(L)'
;ADVPAGVQLADKQTLVRNNGSEVQSLDPHKIEGVPESNVSRDLFEGLLISDVEGHPSPGVAEKWENKDFKVWTFHLRENA
KWSDGTPVTAHDFVYSWQRLADPNTASPYASYLQYGHIANIDDIIAGKKPATDLGVKALDDHTFEVTLSEPVPYFYKLLV
HPSVSPVPKSAVEKFGDKWTQPANIVTNGAYKLKNWVVNERIVLERNPQYWDNAKTVINQVTYLPISSEVTDVNRYRSGE
IDMTYNNMPIELFQKLKKEIPNEVRVDPYLCTYYYEINNQKAPFNDVRVRTALKLALDRDIIVNKVKNQGDLPAYSYTPP
YTDGAKLVEPEWFKWSQQKRNEEAKKLLAEAGFTADKPLTFDLLYNTSDLHKKLAIAVASIWKKNLGVNVNLENQEWKTF
LDTRHQGTFDVARAGWCADYNEPTSFLNTMLSDSSNNTAHYKSPAFDKLIADTLKVADDTQRSELYAKAEQQLDKDSAIV
PVYYYVNARLVKPWVGGYTGKDPLDNIYVKNLYIIKH
;
A
2 'polypeptide(L)' K(HPE)K B
#
loop_
_chem_comp.id
_chem_comp.type
_chem_comp.name
_chem_comp.formula
IUM non-polymer 'URANYL (VI) ION' 'O2 U 2'
#
# COMPACT_ATOMS: atom_id res chain seq x y z
N ALA A 1 -9.00 -1.49 22.17
CA ALA A 1 -9.49 -2.88 22.05
C ALA A 1 -10.82 -3.00 22.80
N ASP A 2 -11.71 -3.80 22.27
CA ASP A 2 -13.01 -4.07 22.90
C ASP A 2 -12.94 -5.54 23.33
N VAL A 3 -12.53 -5.84 24.56
CA VAL A 3 -12.42 -7.26 24.95
C VAL A 3 -13.77 -7.84 25.28
N PRO A 4 -14.21 -8.87 24.57
CA PRO A 4 -15.49 -9.51 24.82
C PRO A 4 -15.69 -9.96 26.26
N ALA A 5 -16.94 -9.81 26.75
CA ALA A 5 -17.29 -10.22 28.11
C ALA A 5 -16.90 -11.67 28.33
N GLY A 6 -16.25 -12.02 29.43
CA GLY A 6 -15.90 -13.40 29.70
C GLY A 6 -14.55 -13.86 29.19
N VAL A 7 -13.90 -13.11 28.28
CA VAL A 7 -12.59 -13.61 27.85
C VAL A 7 -11.61 -13.26 28.96
N GLN A 8 -10.73 -14.22 29.24
CA GLN A 8 -9.70 -13.97 30.26
C GLN A 8 -8.45 -13.47 29.55
N LEU A 9 -7.88 -12.36 29.99
CA LEU A 9 -6.67 -11.82 29.39
C LEU A 9 -5.41 -12.40 30.03
N ALA A 10 -4.40 -12.59 29.20
CA ALA A 10 -3.11 -13.07 29.70
C ALA A 10 -2.56 -11.97 30.59
N ASP A 11 -1.70 -12.33 31.54
CA ASP A 11 -1.09 -11.34 32.41
C ASP A 11 -0.14 -10.43 31.61
N LYS A 12 0.62 -11.04 30.71
CA LYS A 12 1.59 -10.26 29.92
C LYS A 12 0.96 -9.91 28.59
N GLN A 13 0.76 -8.61 28.35
CA GLN A 13 0.12 -8.21 27.08
C GLN A 13 1.14 -7.71 26.08
N THR A 14 1.86 -8.66 25.47
CA THR A 14 2.89 -8.30 24.50
C THR A 14 2.61 -9.07 23.21
N LEU A 15 3.04 -8.44 22.12
CA LEU A 15 2.77 -9.03 20.80
C LEU A 15 4.02 -8.96 19.93
N VAL A 16 4.22 -9.99 19.13
CA VAL A 16 5.34 -10.01 18.18
C VAL A 16 4.78 -10.23 16.78
N ARG A 17 4.98 -9.26 15.88
CA ARG A 17 4.47 -9.37 14.51
C ARG A 17 5.62 -9.35 13.52
N ASN A 18 5.59 -10.23 12.52
CA ASN A 18 6.63 -10.13 11.51
C ASN A 18 6.12 -9.02 10.55
N ASN A 19 7.04 -8.25 9.99
CA ASN A 19 6.67 -7.12 9.16
C ASN A 19 7.29 -7.11 7.77
N GLY A 20 7.73 -8.27 7.32
CA GLY A 20 8.23 -8.47 5.96
C GLY A 20 9.61 -7.98 5.62
N SER A 21 10.04 -6.83 6.10
CA SER A 21 11.32 -6.27 5.78
C SER A 21 11.63 -5.09 6.70
N GLU A 22 12.83 -4.57 6.57
CA GLU A 22 13.23 -3.37 7.31
C GLU A 22 12.51 -2.19 6.66
N VAL A 23 11.85 -1.35 7.46
CA VAL A 23 11.10 -0.23 6.92
C VAL A 23 12.01 0.80 6.26
N GLN A 24 11.43 1.51 5.30
CA GLN A 24 12.10 2.60 4.64
C GLN A 24 12.44 3.71 5.64
N SER A 25 11.51 3.98 6.54
CA SER A 25 11.63 5.14 7.43
C SER A 25 10.45 5.08 8.40
N LEU A 26 10.49 5.90 9.44
CA LEU A 26 9.36 6.04 10.35
C LEU A 26 8.70 7.42 10.15
N ASP A 27 9.22 8.20 9.21
CA ASP A 27 8.63 9.53 8.93
C ASP A 27 7.45 9.36 8.02
N PRO A 28 6.24 9.71 8.44
CA PRO A 28 5.05 9.56 7.62
C PRO A 28 5.10 10.18 6.22
N HIS A 29 5.91 11.21 5.98
CA HIS A 29 6.02 11.81 4.66
C HIS A 29 7.11 11.17 3.80
N LYS A 30 7.81 10.16 4.26
CA LYS A 30 8.85 9.54 3.45
C LYS A 30 8.48 8.07 3.18
N ILE A 31 7.35 7.60 3.70
CA ILE A 31 7.06 6.16 3.50
C ILE A 31 6.03 5.88 2.43
N GLU A 32 6.12 4.66 1.87
CA GLU A 32 5.12 4.37 0.82
C GLU A 32 4.74 2.91 0.78
N GLY A 33 5.16 2.11 1.77
CA GLY A 33 4.81 0.69 1.67
C GLY A 33 3.99 0.15 2.83
N VAL A 34 3.63 -1.13 2.68
CA VAL A 34 2.86 -1.87 3.69
C VAL A 34 3.60 -2.05 4.99
N PRO A 35 4.86 -2.48 4.97
CA PRO A 35 5.62 -2.61 6.20
C PRO A 35 5.73 -1.27 6.92
N GLU A 36 5.96 -0.20 6.15
CA GLU A 36 6.09 1.12 6.75
C GLU A 36 4.77 1.50 7.40
N SER A 37 3.68 1.30 6.68
CA SER A 37 2.35 1.71 7.13
C SER A 37 1.90 0.92 8.35
N ASN A 38 2.33 -0.36 8.45
CA ASN A 38 1.96 -1.16 9.60
C ASN A 38 2.47 -0.50 10.89
N VAL A 39 3.74 -0.06 10.85
CA VAL A 39 4.28 0.59 12.04
C VAL A 39 3.68 1.98 12.20
N SER A 40 3.53 2.73 11.09
CA SER A 40 2.99 4.09 11.16
C SER A 40 1.64 4.16 11.86
N ARG A 41 0.73 3.21 11.61
CA ARG A 41 -0.58 3.29 12.24
C ARG A 41 -0.52 3.21 13.77
N ASP A 42 0.49 2.54 14.34
CA ASP A 42 0.61 2.43 15.78
C ASP A 42 1.21 3.73 16.37
N LEU A 43 1.94 4.48 15.55
CA LEU A 43 2.61 5.67 16.08
C LEU A 43 1.95 7.00 15.76
N PHE A 44 1.43 7.15 14.55
CA PHE A 44 0.88 8.47 14.16
C PHE A 44 -0.57 8.34 13.77
N GLU A 45 -1.43 9.20 14.33
CA GLU A 45 -2.86 9.15 14.10
C GLU A 45 -3.40 10.39 13.40
N GLY A 46 -3.99 10.16 12.23
CA GLY A 46 -4.56 11.22 11.42
C GLY A 46 -5.98 11.62 11.86
N LEU A 47 -6.66 12.32 10.96
CA LEU A 47 -8.00 12.83 11.26
C LEU A 47 -8.97 11.70 11.53
N LEU A 48 -8.93 10.69 10.66
CA LEU A 48 -9.77 9.50 10.81
C LEU A 48 -8.85 8.28 10.91
N ILE A 49 -9.40 7.19 11.41
CA ILE A 49 -8.67 5.91 11.43
C ILE A 49 -9.65 4.85 10.94
N SER A 50 -9.22 3.64 10.64
CA SER A 50 -10.14 2.57 10.30
C SER A 50 -10.59 1.91 11.60
N ASP A 51 -11.85 1.48 11.68
CA ASP A 51 -12.23 0.69 12.88
C ASP A 51 -11.70 -0.73 12.70
N VAL A 52 -12.09 -1.69 13.55
CA VAL A 52 -11.58 -3.06 13.37
C VAL A 52 -12.07 -3.77 12.13
N GLU A 53 -13.06 -3.26 11.40
CA GLU A 53 -13.52 -3.92 10.19
C GLU A 53 -13.15 -3.09 8.96
N GLY A 54 -12.44 -1.98 9.14
CA GLY A 54 -11.99 -1.19 8.01
C GLY A 54 -12.77 0.07 7.69
N HIS A 55 -13.87 0.33 8.40
CA HIS A 55 -14.66 1.52 8.11
C HIS A 55 -13.99 2.80 8.64
N PRO A 56 -13.95 3.83 7.81
CA PRO A 56 -13.40 5.12 8.20
C PRO A 56 -14.13 5.56 9.47
N SER A 57 -13.42 6.01 10.49
CA SER A 57 -13.99 6.30 11.80
C SER A 57 -13.22 7.45 12.41
N PRO A 58 -13.71 8.04 13.51
CA PRO A 58 -13.02 9.15 14.15
C PRO A 58 -11.61 8.79 14.62
N GLY A 59 -10.67 9.68 14.30
CA GLY A 59 -9.28 9.51 14.75
C GLY A 59 -9.05 10.77 15.64
N VAL A 60 -8.15 11.66 15.24
CA VAL A 60 -8.04 12.92 16.02
C VAL A 60 -9.31 13.74 15.84
N ALA A 61 -9.94 13.66 14.67
CA ALA A 61 -11.21 14.37 14.48
C ALA A 61 -12.34 13.55 15.09
N GLU A 62 -13.14 14.15 15.97
CA GLU A 62 -14.24 13.39 16.57
C GLU A 62 -15.50 13.49 15.72
N LYS A 63 -15.58 14.56 14.93
CA LYS A 63 -16.68 14.75 14.00
C LYS A 63 -16.28 15.71 12.88
N TRP A 64 -16.98 15.61 11.77
CA TRP A 64 -16.70 16.43 10.59
C TRP A 64 -17.94 16.64 9.75
N GLU A 65 -17.90 17.71 8.95
CA GLU A 65 -18.96 18.04 8.02
C GLU A 65 -18.33 18.41 6.67
N ASN A 66 -19.16 18.51 5.65
CA ASN A 66 -18.69 19.00 4.37
C ASN A 66 -19.75 19.92 3.74
N LYS A 67 -19.24 20.86 2.97
CA LYS A 67 -20.09 21.73 2.19
C LYS A 67 -19.87 21.43 0.72
N ASP A 68 -20.83 20.88 0.01
CA ASP A 68 -20.74 20.57 -1.41
C ASP A 68 -19.62 19.59 -1.78
N PHE A 69 -19.13 18.81 -0.83
CA PHE A 69 -17.99 17.90 -0.98
C PHE A 69 -16.72 18.66 -1.31
N LYS A 70 -16.65 19.96 -1.03
CA LYS A 70 -15.53 20.82 -1.39
C LYS A 70 -14.87 21.44 -0.18
N VAL A 71 -15.65 21.83 0.84
CA VAL A 71 -15.02 22.36 2.06
C VAL A 71 -15.36 21.39 3.18
N TRP A 72 -14.33 20.80 3.77
CA TRP A 72 -14.44 19.79 4.81
C TRP A 72 -13.91 20.29 6.12
N THR A 73 -14.77 20.31 7.15
CA THR A 73 -14.42 20.83 8.45
C THR A 73 -14.33 19.73 9.50
N PHE A 74 -13.14 19.62 10.08
CA PHE A 74 -12.88 18.57 11.06
C PHE A 74 -12.74 19.13 12.48
N HIS A 75 -13.62 18.64 13.34
CA HIS A 75 -13.62 19.04 14.75
C HIS A 75 -12.76 18.08 15.57
N LEU A 76 -11.60 18.57 16.01
CA LEU A 76 -10.61 17.75 16.70
C LEU A 76 -10.92 17.59 18.17
N ARG A 77 -10.81 16.34 18.67
CA ARG A 77 -11.12 16.13 20.09
C ARG A 77 -10.17 16.88 20.99
N GLU A 78 -10.73 17.50 22.06
CA GLU A 78 -9.91 18.32 22.95
C GLU A 78 -8.81 17.61 23.70
N ASN A 79 -8.88 16.31 23.94
CA ASN A 79 -7.84 15.61 24.68
C ASN A 79 -6.82 14.87 23.80
N ALA A 80 -6.78 15.16 22.50
CA ALA A 80 -5.77 14.48 21.67
C ALA A 80 -4.42 15.04 22.07
N LYS A 81 -3.43 14.19 22.36
CA LYS A 81 -2.13 14.69 22.77
C LYS A 81 -1.02 13.86 22.12
N TRP A 82 0.15 14.46 22.06
CA TRP A 82 1.37 13.84 21.61
C TRP A 82 1.96 13.07 22.80
N SER A 83 3.00 12.25 22.58
CA SER A 83 3.61 11.49 23.65
C SER A 83 4.37 12.31 24.70
N ASP A 84 4.62 13.58 24.40
CA ASP A 84 5.30 14.43 25.37
C ASP A 84 4.27 15.18 26.20
N GLY A 85 2.99 14.89 25.98
CA GLY A 85 1.91 15.53 26.72
C GLY A 85 1.36 16.81 26.08
N THR A 86 1.97 17.29 25.01
CA THR A 86 1.46 18.50 24.36
C THR A 86 0.27 18.18 23.51
N PRO A 87 -0.66 19.12 23.37
CA PRO A 87 -1.88 18.91 22.62
C PRO A 87 -1.63 18.73 21.13
N VAL A 88 -2.47 17.88 20.53
CA VAL A 88 -2.48 17.75 19.07
C VAL A 88 -3.46 18.83 18.61
N THR A 89 -3.01 19.74 17.73
CA THR A 89 -3.94 20.79 17.33
C THR A 89 -4.16 20.76 15.82
N ALA A 90 -5.04 21.65 15.36
CA ALA A 90 -5.23 21.82 13.93
C ALA A 90 -3.98 22.41 13.31
N HIS A 91 -3.19 23.19 14.04
CA HIS A 91 -1.95 23.76 13.52
C HIS A 91 -0.97 22.64 13.17
N ASP A 92 -0.99 21.54 13.93
CA ASP A 92 -0.13 20.41 13.57
C ASP A 92 -0.53 19.86 12.19
N PHE A 93 -1.82 19.76 11.89
CA PHE A 93 -2.24 19.27 10.58
C PHE A 93 -1.90 20.25 9.48
N VAL A 94 -2.02 21.56 9.73
CA VAL A 94 -1.65 22.54 8.71
C VAL A 94 -0.17 22.41 8.36
N TYR A 95 0.67 22.40 9.38
CA TYR A 95 2.11 22.25 9.18
C TYR A 95 2.37 20.93 8.44
N SER A 96 1.74 19.85 8.93
CA SER A 96 2.02 18.55 8.31
C SER A 96 1.63 18.42 6.86
N TRP A 97 0.42 18.85 6.49
CA TRP A 97 0.02 18.74 5.08
C TRP A 97 0.83 19.68 4.21
N GLN A 98 1.22 20.84 4.75
CA GLN A 98 2.14 21.70 4.00
C GLN A 98 3.49 20.99 3.78
N ARG A 99 4.01 20.29 4.78
CA ARG A 99 5.30 19.60 4.62
C ARG A 99 5.19 18.51 3.56
N LEU A 100 4.06 17.79 3.59
CA LEU A 100 3.85 16.77 2.55
C LEU A 100 3.86 17.36 1.14
N ALA A 101 3.23 18.53 0.95
CA ALA A 101 3.13 19.17 -0.34
C ALA A 101 4.46 19.79 -0.81
N ASP A 102 5.21 20.29 0.13
CA ASP A 102 6.44 21.01 -0.23
C ASP A 102 7.43 20.14 -0.98
N PRO A 103 7.85 20.59 -2.16
CA PRO A 103 8.84 19.87 -2.96
C PRO A 103 10.16 19.63 -2.27
N ASN A 104 10.57 20.44 -1.29
CA ASN A 104 11.82 20.21 -0.57
C ASN A 104 11.73 18.93 0.25
N THR A 105 10.53 18.50 0.65
CA THR A 105 10.38 17.24 1.38
C THR A 105 10.55 16.04 0.45
N ALA A 106 10.28 16.23 -0.83
CA ALA A 106 10.38 15.19 -1.84
C ALA A 106 9.62 13.94 -1.43
N SER A 107 8.39 14.11 -0.91
CA SER A 107 7.61 12.96 -0.48
C SER A 107 7.20 12.14 -1.69
N PRO A 108 7.32 10.82 -1.59
CA PRO A 108 6.84 9.92 -2.64
C PRO A 108 5.31 9.96 -2.66
N TYR A 109 4.66 10.45 -1.61
CA TYR A 109 3.24 10.61 -1.54
C TYR A 109 2.77 12.05 -1.65
N ALA A 110 3.62 12.94 -2.17
CA ALA A 110 3.16 14.31 -2.43
C ALA A 110 1.90 14.33 -3.26
N SER A 111 1.73 13.43 -4.24
CA SER A 111 0.55 13.36 -5.06
C SER A 111 -0.71 12.91 -4.34
N TYR A 112 -0.63 12.47 -3.08
CA TYR A 112 -1.84 12.11 -2.34
C TYR A 112 -2.72 13.35 -2.21
N LEU A 113 -2.12 14.53 -2.15
CA LEU A 113 -2.85 15.79 -2.04
C LEU A 113 -3.46 16.19 -3.37
N GLN A 114 -2.96 15.62 -4.46
CA GLN A 114 -3.58 15.78 -5.77
C GLN A 114 -4.77 14.83 -5.85
N TYR A 115 -4.62 13.62 -5.29
CA TYR A 115 -5.71 12.65 -5.36
C TYR A 115 -6.95 13.18 -4.62
N GLY A 116 -6.72 13.93 -3.54
CA GLY A 116 -7.84 14.54 -2.83
C GLY A 116 -8.17 15.92 -3.35
N HIS A 117 -7.43 16.45 -4.32
CA HIS A 117 -7.65 17.76 -4.91
C HIS A 117 -7.66 18.92 -3.93
N ILE A 118 -6.73 18.92 -2.98
CA ILE A 118 -6.66 20.07 -2.05
C ILE A 118 -6.27 21.30 -2.89
N ALA A 119 -6.89 22.43 -2.60
CA ALA A 119 -6.60 23.62 -3.42
C ALA A 119 -5.14 23.99 -3.46
N ASN A 120 -4.68 24.42 -4.62
CA ASN A 120 -3.36 24.89 -4.96
C ASN A 120 -2.25 23.83 -4.99
N ILE A 121 -2.59 22.55 -4.82
CA ILE A 121 -1.54 21.52 -4.77
C ILE A 121 -0.69 21.44 -6.03
N ASP A 122 -1.25 21.54 -7.21
CA ASP A 122 -0.43 21.43 -8.44
C ASP A 122 0.66 22.48 -8.46
N ASP A 123 0.29 23.74 -8.24
CA ASP A 123 1.23 24.85 -8.20
C ASP A 123 2.32 24.69 -7.17
N ILE A 124 1.98 24.15 -6.00
CA ILE A 124 2.93 23.94 -4.92
C ILE A 124 3.95 22.89 -5.34
N ILE A 125 3.48 21.78 -5.89
CA ILE A 125 4.38 20.70 -6.34
C ILE A 125 5.32 21.21 -7.42
N ALA A 126 4.80 22.05 -8.31
CA ALA A 126 5.56 22.68 -9.38
C ALA A 126 6.47 23.80 -8.91
N GLY A 127 6.38 24.28 -7.70
CA GLY A 127 7.26 25.33 -7.18
C GLY A 127 6.78 26.73 -7.53
N LYS A 128 5.57 26.85 -8.04
CA LYS A 128 5.02 28.14 -8.44
C LYS A 128 4.45 28.88 -7.25
N LYS A 129 3.97 28.18 -6.23
CA LYS A 129 3.44 28.75 -5.01
C LYS A 129 4.11 28.07 -3.83
N PRO A 130 4.36 28.77 -2.75
CA PRO A 130 4.96 28.17 -1.57
C PRO A 130 3.91 27.24 -0.95
N ALA A 131 4.39 26.34 -0.10
CA ALA A 131 3.53 25.35 0.54
C ALA A 131 2.48 25.97 1.44
N THR A 132 2.71 27.16 1.96
CA THR A 132 1.75 27.91 2.76
C THR A 132 0.51 28.35 2.03
N ASP A 133 0.45 28.21 0.73
CA ASP A 133 -0.72 28.49 -0.08
C ASP A 133 -1.66 27.29 -0.16
N LEU A 134 -1.29 26.18 0.47
CA LEU A 134 -2.14 24.98 0.38
C LEU A 134 -3.51 25.24 0.99
N GLY A 135 -4.54 24.63 0.43
CA GLY A 135 -5.92 24.86 0.88
C GLY A 135 -6.33 24.20 2.18
N VAL A 136 -5.57 24.45 3.26
CA VAL A 136 -5.86 23.96 4.59
C VAL A 136 -5.69 25.13 5.57
N LYS A 137 -6.54 25.13 6.60
CA LYS A 137 -6.31 26.14 7.64
C LYS A 137 -6.82 25.63 8.98
N ALA A 138 -6.26 26.22 10.02
CA ALA A 138 -6.72 25.91 11.38
C ALA A 138 -7.64 27.10 11.72
N LEU A 139 -8.92 26.84 11.88
CA LEU A 139 -9.88 27.89 12.24
C LEU A 139 -9.72 28.24 13.72
N ASP A 140 -9.22 27.27 14.50
CA ASP A 140 -8.85 27.44 15.88
C ASP A 140 -7.99 26.25 16.25
N ASP A 141 -7.55 26.10 17.50
CA ASP A 141 -6.71 24.97 17.86
C ASP A 141 -7.37 23.62 17.60
N HIS A 142 -8.69 23.54 17.63
CA HIS A 142 -9.38 22.26 17.48
C HIS A 142 -10.22 22.13 16.24
N THR A 143 -9.98 22.95 15.21
CA THR A 143 -10.79 22.92 14.01
C THR A 143 -9.92 23.05 12.76
N PHE A 144 -9.89 22.01 11.95
CA PHE A 144 -9.05 21.99 10.73
C PHE A 144 -9.98 22.01 9.52
N GLU A 145 -9.78 22.97 8.63
CA GLU A 145 -10.66 23.14 7.48
C GLU A 145 -9.91 22.93 6.17
N VAL A 146 -10.40 22.01 5.35
CA VAL A 146 -9.74 21.65 4.10
C VAL A 146 -10.59 22.11 2.91
N THR A 147 -9.97 22.83 1.99
CA THR A 147 -10.68 23.32 0.81
C THR A 147 -10.18 22.62 -0.45
N LEU A 148 -11.09 21.96 -1.16
CA LEU A 148 -10.74 21.26 -2.39
C LEU A 148 -11.08 22.08 -3.62
N SER A 149 -10.43 21.76 -4.74
CA SER A 149 -10.73 22.53 -5.97
C SER A 149 -11.90 21.97 -6.75
N GLU A 150 -12.44 20.83 -6.36
CA GLU A 150 -13.65 20.28 -6.98
C GLU A 150 -14.28 19.34 -5.95
N PRO A 151 -15.54 18.98 -6.14
CA PRO A 151 -16.25 18.10 -5.22
C PRO A 151 -15.66 16.69 -5.27
N VAL A 152 -15.37 16.16 -4.09
CA VAL A 152 -14.80 14.81 -3.93
C VAL A 152 -15.61 14.13 -2.82
N PRO A 153 -16.65 13.39 -3.18
CA PRO A 153 -17.58 12.78 -2.23
C PRO A 153 -16.95 11.77 -1.30
N TYR A 154 -15.90 11.10 -1.79
CA TYR A 154 -15.16 10.13 -1.01
C TYR A 154 -13.92 10.69 -0.34
N PHE A 155 -13.76 12.01 -0.30
CA PHE A 155 -12.57 12.62 0.27
C PHE A 155 -12.20 12.07 1.63
N TYR A 156 -13.13 11.98 2.57
CA TYR A 156 -12.80 11.54 3.93
C TYR A 156 -12.24 10.13 3.97
N LYS A 157 -12.54 9.24 3.02
CA LYS A 157 -11.94 7.89 3.02
C LYS A 157 -10.44 7.95 2.88
N LEU A 158 -9.91 8.99 2.21
CA LEU A 158 -8.47 9.13 2.03
C LEU A 158 -7.70 9.35 3.32
N LEU A 159 -8.35 9.91 4.36
CA LEU A 159 -7.65 10.39 5.53
C LEU A 159 -7.09 9.40 6.52
N VAL A 160 -7.25 8.10 6.29
CA VAL A 160 -6.70 7.09 7.18
C VAL A 160 -5.25 6.78 6.79
N HIS A 161 -4.73 7.27 5.68
CA HIS A 161 -3.38 6.98 5.19
C HIS A 161 -2.28 7.68 5.93
N PRO A 162 -1.10 7.09 6.08
CA PRO A 162 -0.01 7.68 6.84
C PRO A 162 0.49 9.00 6.32
N SER A 163 0.42 9.25 5.01
CA SER A 163 0.92 10.54 4.47
C SER A 163 0.20 11.76 5.02
N VAL A 164 -1.04 11.62 5.45
CA VAL A 164 -1.83 12.72 6.00
C VAL A 164 -1.91 12.65 7.54
N SER A 165 -1.02 11.90 8.18
CA SER A 165 -0.93 11.91 9.64
C SER A 165 -0.08 13.12 10.03
N PRO A 166 -0.22 13.59 11.24
CA PRO A 166 0.58 14.72 11.69
C PRO A 166 2.00 14.31 12.08
N VAL A 167 2.92 15.27 11.93
CA VAL A 167 4.30 15.06 12.35
C VAL A 167 4.61 16.25 13.29
N PRO A 168 5.45 16.03 14.27
CA PRO A 168 5.75 17.07 15.26
C PRO A 168 6.79 18.06 14.78
N LYS A 169 6.35 19.28 14.45
CA LYS A 169 7.18 20.33 13.93
C LYS A 169 8.45 20.60 14.73
N SER A 170 8.34 20.72 16.04
CA SER A 170 9.54 21.01 16.83
C SER A 170 10.60 19.91 16.74
N ALA A 171 10.23 18.65 16.70
CA ALA A 171 11.22 17.57 16.56
C ALA A 171 11.80 17.56 15.17
N VAL A 172 10.93 17.78 14.16
CA VAL A 172 11.38 17.82 12.79
C VAL A 172 12.39 18.97 12.59
N GLU A 173 12.02 20.15 13.05
CA GLU A 173 12.94 21.29 12.86
C GLU A 173 14.22 21.19 13.66
N LYS A 174 14.18 20.59 14.86
CA LYS A 174 15.40 20.52 15.66
C LYS A 174 16.33 19.39 15.28
N PHE A 175 15.82 18.22 14.88
CA PHE A 175 16.69 17.08 14.61
C PHE A 175 16.80 16.69 13.15
N GLY A 176 16.05 17.30 12.25
CA GLY A 176 16.12 17.00 10.83
C GLY A 176 15.78 15.55 10.57
N ASP A 177 16.64 14.85 9.83
CA ASP A 177 16.45 13.45 9.50
C ASP A 177 16.65 12.48 10.64
N LYS A 178 17.01 12.94 11.83
CA LYS A 178 17.14 12.09 13.00
C LYS A 178 15.94 12.29 13.93
N TRP A 179 14.92 13.05 13.53
CA TRP A 179 13.77 13.25 14.40
C TRP A 179 13.08 11.96 14.79
N THR A 180 13.15 10.89 13.96
CA THR A 180 12.49 9.63 14.26
C THR A 180 13.30 8.67 15.14
N GLN A 181 14.51 9.03 15.55
CA GLN A 181 15.24 8.16 16.49
C GLN A 181 14.49 8.15 17.81
N PRO A 182 14.59 7.09 18.58
CA PRO A 182 13.90 6.95 19.84
C PRO A 182 14.06 8.10 20.81
N ALA A 183 15.27 8.66 20.90
CA ALA A 183 15.51 9.73 21.86
C ALA A 183 14.86 11.03 21.45
N ASN A 184 14.54 11.20 20.16
CA ASN A 184 13.99 12.43 19.64
C ASN A 184 12.53 12.41 19.20
N ILE A 185 12.05 11.23 18.81
CA ILE A 185 10.70 11.14 18.26
C ILE A 185 9.62 11.46 19.25
N VAL A 186 8.54 12.01 18.73
CA VAL A 186 7.29 12.37 19.38
C VAL A 186 6.12 11.84 18.55
N THR A 187 5.25 11.05 19.21
CA THR A 187 4.16 10.39 18.51
C THR A 187 2.78 10.64 19.11
N ASN A 188 1.72 10.50 18.29
CA ASN A 188 0.38 10.77 18.77
C ASN A 188 -0.57 9.57 18.63
N GLY A 189 -0.04 8.43 18.22
CA GLY A 189 -0.90 7.22 18.15
C GLY A 189 -0.90 6.51 19.49
N ALA A 190 -1.42 5.28 19.51
CA ALA A 190 -1.54 4.53 20.75
C ALA A 190 -0.18 4.10 21.30
N TYR A 191 0.87 4.06 20.50
CA TYR A 191 2.20 3.62 20.88
C TYR A 191 3.26 4.70 20.71
N LYS A 192 4.41 4.49 21.35
CA LYS A 192 5.58 5.32 21.30
C LYS A 192 6.75 4.42 20.86
N LEU A 193 7.80 5.02 20.31
CA LEU A 193 8.91 4.17 19.88
C LEU A 193 9.87 3.90 21.04
N LYS A 194 10.07 2.63 21.38
CA LYS A 194 11.00 2.28 22.43
C LYS A 194 12.38 2.01 21.86
N ASN A 195 12.47 1.09 20.90
CA ASN A 195 13.73 0.68 20.30
C ASN A 195 13.63 0.52 18.78
N TRP A 196 14.70 0.81 18.07
CA TRP A 196 14.76 0.62 16.62
C TRP A 196 16.17 0.14 16.28
N VAL A 197 16.31 -1.17 16.04
CA VAL A 197 17.59 -1.74 15.65
C VAL A 197 17.42 -2.24 14.21
N VAL A 198 18.08 -1.54 13.31
CA VAL A 198 18.00 -1.87 11.89
C VAL A 198 18.32 -3.32 11.63
N ASN A 199 17.46 -4.01 10.87
CA ASN A 199 17.61 -5.41 10.52
C ASN A 199 17.48 -6.35 11.71
N GLU A 200 16.90 -5.91 12.84
CA GLU A 200 16.66 -6.81 13.97
C GLU A 200 15.23 -6.66 14.46
N ARG A 201 14.93 -5.47 15.01
CA ARG A 201 13.58 -5.28 15.52
C ARG A 201 13.21 -3.82 15.71
N ILE A 202 11.89 -3.61 15.74
CA ILE A 202 11.35 -2.29 16.13
C ILE A 202 10.47 -2.60 17.33
N VAL A 203 10.65 -1.93 18.47
CA VAL A 203 9.82 -2.24 19.64
C VAL A 203 9.03 -0.97 20.02
N LEU A 204 7.71 -1.10 20.11
CA LEU A 204 6.86 0.03 20.46
C LEU A 204 6.22 -0.22 21.84
N GLU A 205 6.01 0.83 22.63
CA GLU A 205 5.40 0.64 23.94
C GLU A 205 4.23 1.62 24.02
N ARG A 206 3.26 1.21 24.81
CA ARG A 206 2.04 2.01 24.99
C ARG A 206 2.33 3.47 25.25
N ASN A 207 1.55 4.32 24.59
CA ASN A 207 1.66 5.77 24.79
C ASN A 207 0.57 6.19 25.75
N PRO A 208 0.90 6.44 27.01
CA PRO A 208 -0.08 6.82 28.01
C PRO A 208 -0.80 8.13 27.75
N GLN A 209 -0.27 8.99 26.90
CA GLN A 209 -0.90 10.25 26.54
C GLN A 209 -1.96 10.08 25.46
N TYR A 210 -1.99 8.93 24.76
CA TYR A 210 -2.96 8.73 23.69
C TYR A 210 -4.35 8.95 24.25
N TRP A 211 -5.19 9.70 23.54
CA TRP A 211 -6.52 9.99 24.06
C TRP A 211 -7.36 8.77 24.41
N ASP A 212 -7.22 7.68 23.65
CA ASP A 212 -8.00 6.47 23.92
C ASP A 212 -7.17 5.41 24.65
N ASN A 213 -6.11 5.82 25.34
CA ASN A 213 -5.25 4.93 26.09
C ASN A 213 -5.97 3.95 27.01
N ALA A 214 -7.07 4.35 27.66
CA ALA A 214 -7.78 3.45 28.57
C ALA A 214 -8.23 2.17 27.86
N LYS A 215 -8.49 2.23 26.55
CA LYS A 215 -8.94 1.08 25.81
C LYS A 215 -7.79 0.28 25.19
N THR A 216 -6.58 0.79 25.23
CA THR A 216 -5.43 0.01 24.70
C THR A 216 -5.13 -1.14 25.65
N VAL A 217 -4.86 -2.33 25.09
CA VAL A 217 -4.57 -3.50 25.94
C VAL A 217 -3.12 -3.94 25.83
N ILE A 218 -2.61 -4.09 24.61
CA ILE A 218 -1.22 -4.52 24.40
C ILE A 218 -0.27 -3.43 24.88
N ASN A 219 0.69 -3.80 25.73
CA ASN A 219 1.62 -2.88 26.33
C ASN A 219 2.89 -2.67 25.53
N GLN A 220 3.22 -3.67 24.71
CA GLN A 220 4.41 -3.62 23.87
C GLN A 220 4.18 -4.49 22.64
N VAL A 221 4.62 -3.97 21.51
CA VAL A 221 4.54 -4.79 20.28
C VAL A 221 5.90 -4.69 19.61
N THR A 222 6.41 -5.81 19.10
CA THR A 222 7.68 -5.79 18.38
C THR A 222 7.39 -6.09 16.90
N TYR A 223 7.99 -5.35 16.01
CA TYR A 223 7.86 -5.60 14.57
C TYR A 223 9.18 -6.18 14.08
N LEU A 224 9.22 -7.34 13.42
CA LEU A 224 10.47 -7.91 12.92
C LEU A 224 10.60 -7.71 11.42
N PRO A 225 11.80 -7.77 10.88
CA PRO A 225 12.04 -7.48 9.47
C PRO A 225 12.41 -8.69 8.63
N ILE A 226 11.74 -9.81 8.88
CA ILE A 226 12.06 -11.07 8.24
C ILE A 226 11.46 -11.20 6.85
N SER A 227 12.32 -11.23 5.83
CA SER A 227 11.84 -11.29 4.45
C SER A 227 11.58 -12.72 3.98
N SER A 228 12.16 -13.71 4.67
CA SER A 228 11.91 -15.10 4.27
C SER A 228 10.57 -15.54 4.86
N GLU A 229 9.59 -15.86 4.00
CA GLU A 229 8.27 -16.26 4.48
C GLU A 229 8.35 -17.60 5.19
N VAL A 230 9.30 -18.44 4.76
CA VAL A 230 9.55 -19.72 5.43
C VAL A 230 10.06 -19.47 6.85
N THR A 231 11.02 -18.55 7.01
CA THR A 231 11.54 -18.26 8.35
C THR A 231 10.47 -17.66 9.24
N ASP A 232 9.65 -16.79 8.67
CA ASP A 232 8.54 -16.19 9.45
C ASP A 232 7.63 -17.30 9.97
N VAL A 233 7.23 -18.21 9.08
CA VAL A 233 6.40 -19.33 9.55
C VAL A 233 7.15 -20.16 10.58
N ASN A 234 8.43 -20.46 10.33
CA ASN A 234 9.14 -21.26 11.36
C ASN A 234 9.15 -20.56 12.72
N ARG A 235 9.38 -19.24 12.78
CA ARG A 235 9.44 -18.53 14.06
C ARG A 235 8.09 -18.32 14.69
N TYR A 236 7.05 -18.33 13.85
CA TYR A 236 5.69 -18.34 14.38
C TYR A 236 5.47 -19.70 15.08
N ARG A 237 5.74 -20.80 14.37
CA ARG A 237 5.46 -22.12 14.95
C ARG A 237 6.37 -22.47 16.11
N SER A 238 7.55 -21.89 16.22
CA SER A 238 8.43 -22.12 17.38
C SER A 238 7.93 -21.38 18.61
N GLY A 239 7.06 -20.39 18.42
CA GLY A 239 6.46 -19.64 19.51
C GLY A 239 6.95 -18.20 19.61
N GLU A 240 7.92 -17.83 18.78
CA GLU A 240 8.46 -16.47 18.87
C GLU A 240 7.49 -15.42 18.32
N ILE A 241 6.83 -15.75 17.22
CA ILE A 241 5.99 -14.81 16.48
C ILE A 241 4.51 -15.13 16.67
N ASP A 242 3.75 -14.08 17.00
CA ASP A 242 2.32 -14.24 17.24
C ASP A 242 1.56 -14.02 15.95
N MET A 243 2.06 -13.13 15.07
CA MET A 243 1.31 -12.88 13.82
C MET A 243 2.32 -12.87 12.68
N THR A 244 2.23 -13.72 11.66
CA THR A 244 3.23 -13.63 10.61
C THR A 244 2.90 -12.36 9.77
N TYR A 245 3.83 -12.08 8.86
CA TYR A 245 3.52 -11.06 7.85
C TYR A 245 2.56 -11.74 6.89
N ASN A 246 1.93 -10.99 5.98
CA ASN A 246 0.95 -11.62 5.11
C ASN A 246 1.49 -11.81 3.70
N ASN A 247 2.54 -12.58 3.60
CA ASN A 247 3.20 -13.17 2.46
C ASN A 247 3.40 -14.63 2.94
N MET A 248 2.81 -15.64 2.31
CA MET A 248 2.98 -17.03 2.72
C MET A 248 3.91 -17.79 1.78
N PRO A 249 4.72 -18.69 2.34
CA PRO A 249 5.68 -19.46 1.56
C PRO A 249 5.03 -20.56 0.74
N ILE A 250 5.48 -20.70 -0.51
CA ILE A 250 4.99 -21.81 -1.35
C ILE A 250 5.42 -23.12 -0.74
N GLU A 251 6.61 -23.19 -0.12
CA GLU A 251 7.10 -24.40 0.50
C GLU A 251 6.19 -25.05 1.54
N LEU A 252 5.56 -24.24 2.40
CA LEU A 252 4.82 -24.80 3.52
C LEU A 252 3.31 -24.59 3.51
N PHE A 253 2.77 -23.71 2.66
CA PHE A 253 1.37 -23.36 2.80
C PHE A 253 0.37 -24.50 2.72
N GLN A 254 0.51 -25.42 1.74
CA GLN A 254 -0.50 -26.48 1.66
C GLN A 254 -0.55 -27.27 2.98
N LYS A 255 0.62 -27.60 3.52
CA LYS A 255 0.73 -28.32 4.78
C LYS A 255 0.13 -27.53 5.94
N LEU A 256 0.35 -26.22 6.01
CA LEU A 256 -0.19 -25.41 7.10
C LEU A 256 -1.70 -25.42 7.15
N LYS A 257 -2.35 -25.39 5.99
CA LYS A 257 -3.81 -25.41 5.97
C LYS A 257 -4.34 -26.72 6.55
N LYS A 258 -3.61 -27.82 6.37
CA LYS A 258 -4.13 -29.08 6.91
C LYS A 258 -3.62 -29.24 8.33
N GLU A 259 -2.51 -28.59 8.70
CA GLU A 259 -1.98 -28.79 10.04
C GLU A 259 -2.58 -27.87 11.08
N ILE A 260 -2.77 -26.57 10.76
CA ILE A 260 -3.33 -25.63 11.72
C ILE A 260 -4.36 -24.74 11.08
N PRO A 261 -5.43 -25.32 10.53
CA PRO A 261 -6.49 -24.61 9.85
C PRO A 261 -7.07 -23.41 10.57
N ASN A 262 -7.27 -23.47 11.87
CA ASN A 262 -7.82 -22.39 12.65
C ASN A 262 -6.87 -21.19 12.80
N GLU A 263 -5.61 -21.35 12.49
CA GLU A 263 -4.63 -20.26 12.54
C GLU A 263 -4.32 -19.64 11.18
N VAL A 264 -4.72 -20.29 10.08
CA VAL A 264 -4.49 -19.76 8.75
C VAL A 264 -5.64 -18.85 8.37
N ARG A 265 -5.44 -17.54 8.44
CA ARG A 265 -6.50 -16.58 8.12
C ARG A 265 -6.36 -16.21 6.66
N VAL A 266 -7.44 -16.33 5.90
CA VAL A 266 -7.38 -15.98 4.47
C VAL A 266 -8.60 -15.11 4.18
N ASP A 267 -8.42 -13.84 3.85
CA ASP A 267 -9.54 -12.93 3.61
C ASP A 267 -9.28 -12.08 2.36
N PRO A 268 -10.34 -11.46 1.85
CA PRO A 268 -10.23 -10.57 0.71
C PRO A 268 -9.24 -9.46 1.01
N TYR A 269 -8.58 -9.03 -0.06
CA TYR A 269 -7.54 -7.98 0.11
C TYR A 269 -7.47 -7.16 -1.16
N LEU A 270 -7.53 -5.85 -1.10
CA LEU A 270 -7.52 -5.03 -2.31
C LEU A 270 -6.11 -4.68 -2.77
N CYS A 271 -5.40 -5.75 -3.23
CA CYS A 271 -4.04 -5.57 -3.74
C CYS A 271 -3.92 -6.39 -5.03
N THR A 272 -3.09 -5.93 -5.94
CA THR A 272 -2.88 -6.63 -7.20
C THR A 272 -1.38 -6.93 -7.36
N TYR A 273 -1.07 -8.17 -7.68
CA TYR A 273 0.33 -8.55 -7.95
C TYR A 273 0.47 -8.45 -9.49
N TYR A 274 1.49 -7.76 -9.95
CA TYR A 274 1.78 -7.59 -11.35
C TYR A 274 3.27 -7.43 -11.59
N TYR A 275 3.67 -7.52 -12.87
CA TYR A 275 5.05 -7.17 -13.21
C TYR A 275 4.97 -5.76 -13.79
N GLU A 276 5.63 -4.82 -13.10
CA GLU A 276 5.72 -3.42 -13.46
C GLU A 276 6.78 -3.28 -14.54
N ILE A 277 6.37 -2.79 -15.71
CA ILE A 277 7.32 -2.62 -16.83
C ILE A 277 7.81 -1.19 -16.79
N ASN A 278 9.09 -0.98 -17.01
CA ASN A 278 9.59 0.41 -17.05
C ASN A 278 9.21 0.93 -18.44
N ASN A 279 8.11 1.68 -18.55
CA ASN A 279 7.60 2.13 -19.83
C ASN A 279 8.46 3.14 -20.58
N GLN A 280 9.41 3.78 -19.92
CA GLN A 280 10.18 4.83 -20.58
C GLN A 280 11.51 4.33 -21.12
N LYS A 281 11.79 3.05 -20.98
CA LYS A 281 13.06 2.50 -21.42
C LYS A 281 12.95 1.47 -22.53
N ALA A 282 13.70 1.71 -23.59
CA ALA A 282 13.70 0.76 -24.72
C ALA A 282 14.30 -0.55 -24.22
N PRO A 283 13.77 -1.68 -24.67
CA PRO A 283 12.71 -1.76 -25.65
C PRO A 283 11.29 -1.82 -25.08
N PHE A 284 11.16 -1.53 -23.78
CA PHE A 284 9.84 -1.59 -23.13
C PHE A 284 8.95 -0.40 -23.45
N ASN A 285 9.44 0.54 -24.25
CA ASN A 285 8.63 1.67 -24.70
C ASN A 285 7.89 1.29 -25.97
N ASP A 286 8.09 0.06 -26.44
CA ASP A 286 7.34 -0.47 -27.58
C ASP A 286 6.17 -1.28 -27.08
N VAL A 287 4.94 -0.89 -27.40
CA VAL A 287 3.76 -1.61 -26.94
C VAL A 287 3.73 -3.05 -27.37
N ARG A 288 4.34 -3.40 -28.53
CA ARG A 288 4.36 -4.79 -28.94
C ARG A 288 5.14 -5.65 -27.95
N VAL A 289 6.24 -5.10 -27.42
CA VAL A 289 7.02 -5.82 -26.43
C VAL A 289 6.24 -6.00 -25.12
N ARG A 290 5.63 -4.92 -24.63
CA ARG A 290 4.82 -5.02 -23.41
C ARG A 290 3.67 -5.99 -23.59
N THR A 291 2.95 -5.91 -24.71
CA THR A 291 1.82 -6.80 -24.92
C THR A 291 2.23 -8.26 -24.93
N ALA A 292 3.37 -8.56 -25.56
CA ALA A 292 3.86 -9.94 -25.63
C ALA A 292 4.15 -10.52 -24.26
N LEU A 293 4.84 -9.74 -23.42
CA LEU A 293 5.09 -10.23 -22.05
C LEU A 293 3.78 -10.44 -21.30
N LYS A 294 2.84 -9.52 -21.45
CA LYS A 294 1.55 -9.60 -20.77
C LYS A 294 0.80 -10.86 -21.14
N LEU A 295 0.67 -11.13 -22.44
CA LEU A 295 -0.05 -12.28 -22.93
C LEU A 295 0.60 -13.64 -22.70
N ALA A 296 1.91 -13.71 -22.85
CA ALA A 296 2.64 -14.97 -22.75
C ALA A 296 2.75 -15.50 -21.34
N LEU A 297 2.53 -14.64 -20.33
CA LEU A 297 2.57 -15.17 -18.95
C LEU A 297 1.28 -15.97 -18.75
N ASP A 298 1.38 -17.18 -18.22
CA ASP A 298 0.27 -18.08 -17.99
C ASP A 298 -0.22 -17.96 -16.54
N ARG A 299 -1.24 -17.13 -16.34
CA ARG A 299 -1.80 -16.91 -15.01
C ARG A 299 -2.36 -18.16 -14.35
N ASP A 300 -3.00 -19.06 -15.12
CA ASP A 300 -3.49 -20.29 -14.50
C ASP A 300 -2.33 -21.07 -13.90
N ILE A 301 -1.21 -21.22 -14.62
CA ILE A 301 -0.09 -21.97 -14.05
C ILE A 301 0.39 -21.28 -12.77
N ILE A 302 0.64 -19.97 -12.86
CA ILE A 302 1.11 -19.28 -11.64
C ILE A 302 0.14 -19.35 -10.49
N VAL A 303 -1.10 -18.95 -10.71
CA VAL A 303 -2.08 -18.91 -9.63
C VAL A 303 -2.53 -20.25 -9.08
N ASN A 304 -2.94 -21.17 -9.96
CA ASN A 304 -3.49 -22.42 -9.49
C ASN A 304 -2.50 -23.54 -9.34
N LYS A 305 -1.39 -23.46 -10.05
CA LYS A 305 -0.41 -24.54 -10.00
C LYS A 305 0.81 -24.18 -9.18
N VAL A 306 1.49 -23.06 -9.45
CA VAL A 306 2.68 -22.80 -8.64
C VAL A 306 2.38 -22.25 -7.25
N LYS A 307 1.46 -21.32 -7.08
CA LYS A 307 1.18 -20.72 -5.78
C LYS A 307 0.01 -21.37 -5.08
N ASN A 308 -1.14 -21.46 -5.73
CA ASN A 308 -2.34 -22.06 -5.17
C ASN A 308 -2.61 -21.71 -3.71
N GLN A 309 -2.91 -20.46 -3.42
CA GLN A 309 -3.20 -19.95 -2.10
C GLN A 309 -4.57 -19.30 -2.05
N GLY A 310 -5.27 -19.29 -3.18
CA GLY A 310 -6.62 -18.70 -3.24
C GLY A 310 -6.68 -17.41 -4.06
N ASP A 311 -5.57 -16.99 -4.64
CA ASP A 311 -5.54 -15.78 -5.46
C ASP A 311 -6.28 -15.98 -6.77
N LEU A 312 -6.80 -14.87 -7.33
CA LEU A 312 -7.49 -14.96 -8.60
C LEU A 312 -6.68 -14.35 -9.73
N PRO A 313 -6.65 -15.00 -10.88
CA PRO A 313 -5.90 -14.55 -12.05
C PRO A 313 -6.35 -13.13 -12.41
N ALA A 314 -5.41 -12.23 -12.72
CA ALA A 314 -5.75 -10.85 -12.95
C ALA A 314 -5.64 -10.36 -14.38
N TYR A 315 -6.55 -9.43 -14.71
CA TYR A 315 -6.58 -8.90 -16.07
C TYR A 315 -6.62 -7.38 -16.03
N SER A 316 -6.50 -6.82 -14.82
CA SER A 316 -6.53 -5.38 -14.64
C SER A 316 -5.57 -4.98 -13.50
N TYR A 317 -5.46 -3.67 -13.32
CA TYR A 317 -4.67 -3.11 -12.21
C TYR A 317 -5.58 -2.97 -11.00
N THR A 318 -6.63 -2.18 -11.13
CA THR A 318 -7.62 -2.09 -10.05
C THR A 318 -8.27 -3.45 -9.79
N PRO A 319 -8.31 -3.94 -8.56
CA PRO A 319 -8.97 -5.22 -8.28
C PRO A 319 -10.43 -5.04 -8.61
N PRO A 320 -11.10 -6.01 -9.23
CA PRO A 320 -12.49 -5.86 -9.61
C PRO A 320 -13.49 -5.76 -8.48
N TYR A 321 -13.09 -6.13 -7.27
CA TYR A 321 -13.95 -6.07 -6.11
C TYR A 321 -13.74 -4.78 -5.31
N THR A 322 -12.97 -3.85 -5.87
CA THR A 322 -12.85 -2.54 -5.21
C THR A 322 -14.25 -1.88 -5.22
N ASP A 323 -14.57 -1.14 -4.16
CA ASP A 323 -15.87 -0.47 -4.08
C ASP A 323 -15.94 0.54 -5.22
N GLY A 324 -16.82 0.37 -6.20
CA GLY A 324 -16.90 1.31 -7.30
C GLY A 324 -16.34 0.76 -8.61
N ALA A 325 -15.71 -0.41 -8.57
CA ALA A 325 -15.19 -1.03 -9.77
C ALA A 325 -16.26 -1.88 -10.47
N LYS A 326 -16.42 -1.64 -11.75
CA LYS A 326 -17.31 -2.41 -12.61
C LYS A 326 -16.52 -2.59 -13.91
N LEU A 327 -15.54 -3.49 -13.82
CA LEU A 327 -14.58 -3.64 -14.91
C LEU A 327 -15.03 -4.60 -16.01
N VAL A 328 -14.55 -4.27 -17.20
CA VAL A 328 -14.80 -5.11 -18.38
C VAL A 328 -13.58 -6.02 -18.59
N GLU A 329 -13.84 -7.31 -18.56
CA GLU A 329 -12.78 -8.32 -18.73
C GLU A 329 -12.41 -8.37 -20.19
N PRO A 330 -11.17 -8.03 -20.54
CA PRO A 330 -10.72 -8.00 -21.93
C PRO A 330 -10.82 -9.34 -22.61
N GLU A 331 -10.98 -9.32 -23.94
CA GLU A 331 -11.12 -10.55 -24.71
C GLU A 331 -9.91 -11.47 -24.63
N TRP A 332 -8.69 -10.91 -24.56
CA TRP A 332 -7.50 -11.74 -24.44
C TRP A 332 -7.50 -12.66 -23.22
N PHE A 333 -8.18 -12.23 -22.16
CA PHE A 333 -8.27 -13.03 -20.95
C PHE A 333 -9.12 -14.29 -21.12
N LYS A 334 -10.02 -14.33 -22.10
CA LYS A 334 -10.89 -15.48 -22.32
C LYS A 334 -10.28 -16.45 -23.35
N TRP A 335 -9.21 -16.04 -24.01
CA TRP A 335 -8.57 -16.92 -24.98
C TRP A 335 -7.80 -18.05 -24.32
N SER A 336 -7.38 -19.00 -25.16
CA SER A 336 -6.59 -20.09 -24.60
C SER A 336 -5.18 -19.52 -24.39
N GLN A 337 -4.37 -20.19 -23.56
CA GLN A 337 -3.00 -19.69 -23.43
C GLN A 337 -2.25 -19.86 -24.75
N GLN A 338 -2.56 -20.92 -25.49
CA GLN A 338 -1.94 -21.16 -26.80
C GLN A 338 -2.16 -19.99 -27.74
N LYS A 339 -3.40 -19.49 -27.83
CA LYS A 339 -3.71 -18.32 -28.65
C LYS A 339 -2.99 -17.08 -28.12
N ARG A 340 -2.92 -16.92 -26.79
CA ARG A 340 -2.15 -15.81 -26.24
C ARG A 340 -0.67 -15.91 -26.65
N ASN A 341 -0.08 -17.08 -26.55
CA ASN A 341 1.32 -17.31 -26.91
C ASN A 341 1.59 -16.99 -28.37
N GLU A 342 0.70 -17.42 -29.27
CA GLU A 342 0.91 -17.10 -30.68
C GLU A 342 0.90 -15.60 -30.92
N GLU A 343 -0.08 -14.91 -30.32
CA GLU A 343 -0.14 -13.45 -30.48
C GLU A 343 1.14 -12.83 -29.95
N ALA A 344 1.61 -13.28 -28.79
CA ALA A 344 2.82 -12.77 -28.17
C ALA A 344 4.07 -12.97 -29.03
N LYS A 345 4.24 -14.20 -29.52
CA LYS A 345 5.38 -14.53 -30.37
C LYS A 345 5.33 -13.70 -31.66
N LYS A 346 4.15 -13.57 -32.26
CA LYS A 346 3.97 -12.75 -33.45
C LYS A 346 4.38 -11.32 -33.16
N LEU A 347 3.92 -10.74 -32.04
CA LEU A 347 4.33 -9.37 -31.73
C LEU A 347 5.82 -9.19 -31.54
N LEU A 348 6.52 -10.13 -30.89
CA LEU A 348 7.97 -9.93 -30.75
C LEU A 348 8.69 -10.07 -32.09
N ALA A 349 8.19 -10.97 -32.94
CA ALA A 349 8.80 -11.13 -34.27
C ALA A 349 8.61 -9.83 -35.04
N GLU A 350 7.43 -9.20 -34.94
CA GLU A 350 7.18 -7.91 -35.55
C GLU A 350 8.06 -6.82 -34.96
N ALA A 351 8.36 -6.88 -33.67
CA ALA A 351 9.25 -5.89 -33.06
C ALA A 351 10.73 -6.11 -33.36
N GLY A 352 11.12 -7.10 -34.15
CA GLY A 352 12.48 -7.32 -34.56
C GLY A 352 13.26 -8.40 -33.85
N PHE A 353 12.67 -9.07 -32.87
CA PHE A 353 13.40 -10.10 -32.15
C PHE A 353 13.39 -11.43 -32.88
N THR A 354 14.52 -12.14 -32.79
CA THR A 354 14.65 -13.44 -33.46
C THR A 354 15.32 -14.45 -32.53
N ALA A 355 15.41 -15.72 -32.94
CA ALA A 355 16.13 -16.70 -32.14
C ALA A 355 17.57 -16.24 -31.93
N ASP A 356 18.23 -15.76 -32.98
CA ASP A 356 19.60 -15.31 -32.93
C ASP A 356 19.78 -14.03 -32.14
N LYS A 357 18.79 -13.14 -32.11
CA LYS A 357 18.89 -11.90 -31.34
C LYS A 357 17.64 -11.76 -30.47
N PRO A 358 17.55 -12.57 -29.43
CA PRO A 358 16.37 -12.61 -28.59
C PRO A 358 16.26 -11.40 -27.69
N LEU A 359 15.12 -11.38 -26.99
CA LEU A 359 14.83 -10.34 -26.03
C LEU A 359 15.35 -10.87 -24.69
N THR A 360 16.28 -10.13 -24.10
CA THR A 360 16.85 -10.55 -22.82
C THR A 360 16.80 -9.34 -21.88
N PHE A 361 16.28 -9.53 -20.68
CA PHE A 361 16.16 -8.40 -19.77
C PHE A 361 16.15 -8.85 -18.31
N ASP A 362 16.16 -7.89 -17.40
CA ASP A 362 16.17 -8.23 -15.98
C ASP A 362 14.80 -8.29 -15.34
N LEU A 363 14.67 -9.17 -14.36
CA LEU A 363 13.43 -9.26 -13.58
C LEU A 363 13.86 -9.02 -12.13
N LEU A 364 13.56 -7.83 -11.67
CA LEU A 364 13.96 -7.38 -10.34
C LEU A 364 12.86 -7.66 -9.31
N TYR A 365 13.26 -8.19 -8.15
CA TYR A 365 12.26 -8.49 -7.12
C TYR A 365 12.88 -8.21 -5.76
N ASN A 366 12.04 -7.98 -4.76
CA ASN A 366 12.60 -7.80 -3.40
C ASN A 366 12.83 -9.17 -2.76
N THR A 367 13.97 -9.30 -2.08
CA THR A 367 14.35 -10.56 -1.42
C THR A 367 13.17 -11.22 -0.76
N SER A 368 12.89 -12.48 -1.17
CA SER A 368 11.70 -13.12 -0.64
C SER A 368 11.64 -14.56 -1.17
N ASP A 369 11.16 -15.46 -0.35
CA ASP A 369 11.02 -16.85 -0.84
C ASP A 369 9.89 -16.89 -1.87
N LEU A 370 8.76 -16.29 -1.54
CA LEU A 370 7.62 -16.23 -2.46
C LEU A 370 7.93 -15.52 -3.78
N HIS A 371 8.55 -14.33 -3.71
CA HIS A 371 8.77 -13.62 -4.99
C HIS A 371 9.80 -14.34 -5.86
N LYS A 372 10.81 -14.95 -5.23
CA LYS A 372 11.84 -15.67 -5.99
C LYS A 372 11.21 -16.88 -6.68
N LYS A 373 10.42 -17.67 -5.94
CA LYS A 373 9.76 -18.81 -6.59
C LYS A 373 8.85 -18.35 -7.72
N LEU A 374 8.07 -17.29 -7.52
CA LEU A 374 7.24 -16.74 -8.59
C LEU A 374 8.06 -16.25 -9.78
N ALA A 375 9.14 -15.53 -9.51
CA ALA A 375 9.99 -15.03 -10.62
C ALA A 375 10.64 -16.15 -11.41
N ILE A 376 11.03 -17.21 -10.69
CA ILE A 376 11.64 -18.38 -11.38
C ILE A 376 10.59 -18.99 -12.33
N ALA A 377 9.37 -19.17 -11.83
CA ALA A 377 8.30 -19.76 -12.64
C ALA A 377 7.98 -18.87 -13.84
N VAL A 378 7.88 -17.57 -13.62
CA VAL A 378 7.62 -16.61 -14.70
C VAL A 378 8.73 -16.63 -15.73
N ALA A 379 9.97 -16.67 -15.30
CA ALA A 379 11.11 -16.75 -16.24
C ALA A 379 11.02 -18.01 -17.09
N SER A 380 10.68 -19.13 -16.46
CA SER A 380 10.51 -20.39 -17.18
C SER A 380 9.34 -20.34 -18.15
N ILE A 381 8.23 -19.73 -17.73
CA ILE A 381 7.06 -19.63 -18.61
C ILE A 381 7.36 -18.74 -19.80
N TRP A 382 7.97 -17.59 -19.55
CA TRP A 382 8.33 -16.69 -20.64
C TRP A 382 9.36 -17.31 -21.56
N LYS A 383 10.29 -18.10 -21.03
CA LYS A 383 11.29 -18.75 -21.90
C LYS A 383 10.60 -19.74 -22.82
N LYS A 384 9.81 -20.64 -22.27
CA LYS A 384 9.12 -21.68 -22.99
C LYS A 384 8.07 -21.14 -23.96
N ASN A 385 7.23 -20.23 -23.50
CA ASN A 385 6.13 -19.70 -24.29
C ASN A 385 6.53 -18.63 -25.28
N LEU A 386 7.55 -17.85 -24.98
CA LEU A 386 7.88 -16.73 -25.88
C LEU A 386 9.31 -16.64 -26.33
N GLY A 387 10.22 -17.46 -25.82
CA GLY A 387 11.61 -17.40 -26.23
C GLY A 387 12.39 -16.25 -25.65
N VAL A 388 11.92 -15.69 -24.52
CA VAL A 388 12.65 -14.58 -23.92
C VAL A 388 13.49 -15.08 -22.74
N ASN A 389 14.63 -14.45 -22.55
CA ASN A 389 15.55 -14.80 -21.48
C ASN A 389 15.50 -13.72 -20.39
N VAL A 390 15.41 -14.15 -19.14
CA VAL A 390 15.40 -13.14 -18.07
C VAL A 390 16.51 -13.43 -17.06
N ASN A 391 17.09 -12.36 -16.55
CA ASN A 391 18.11 -12.41 -15.53
C ASN A 391 17.45 -11.97 -14.21
N LEU A 392 17.23 -12.92 -13.31
CA LEU A 392 16.61 -12.51 -12.04
C LEU A 392 17.57 -11.74 -11.14
N GLU A 393 17.10 -10.71 -10.45
CA GLU A 393 17.90 -9.96 -9.49
C GLU A 393 17.09 -9.65 -8.24
N ASN A 394 17.65 -9.96 -7.06
CA ASN A 394 16.97 -9.58 -5.82
C ASN A 394 17.65 -8.37 -5.19
N GLN A 395 16.85 -7.52 -4.55
CA GLN A 395 17.31 -6.36 -3.83
C GLN A 395 16.53 -6.25 -2.51
N GLU A 396 17.16 -5.75 -1.46
CA GLU A 396 16.41 -5.59 -0.21
C GLU A 396 15.28 -4.58 -0.43
N TRP A 397 14.21 -4.67 0.35
CA TRP A 397 13.03 -3.83 0.17
C TRP A 397 13.27 -2.36 -0.03
N LYS A 398 13.95 -1.68 0.91
CA LYS A 398 14.20 -0.24 0.76
C LYS A 398 14.92 0.10 -0.53
N THR A 399 15.93 -0.69 -0.89
CA THR A 399 16.68 -0.44 -2.11
C THR A 399 15.84 -0.69 -3.37
N PHE A 400 15.08 -1.77 -3.33
CA PHE A 400 14.17 -2.16 -4.41
C PHE A 400 13.20 -1.06 -4.78
N LEU A 401 12.54 -0.44 -3.79
CA LEU A 401 11.64 0.67 -4.04
C LEU A 401 12.39 1.87 -4.63
N ASP A 402 13.58 2.16 -4.10
CA ASP A 402 14.38 3.26 -4.64
C ASP A 402 14.73 3.00 -6.11
N THR A 403 15.12 1.78 -6.44
CA THR A 403 15.44 1.44 -7.83
C THR A 403 14.28 1.70 -8.79
N ARG A 404 13.09 1.29 -8.36
CA ARG A 404 11.89 1.52 -9.20
C ARG A 404 11.63 3.01 -9.36
N HIS A 405 11.82 3.83 -8.32
CA HIS A 405 11.67 5.27 -8.52
C HIS A 405 12.72 5.82 -9.46
N GLN A 406 13.94 5.31 -9.40
CA GLN A 406 15.02 5.80 -10.28
C GLN A 406 14.80 5.47 -11.74
N GLY A 407 14.05 4.41 -11.99
CA GLY A 407 13.85 3.92 -13.34
C GLY A 407 15.15 3.15 -13.65
N THR A 408 15.88 2.61 -12.64
CA THR A 408 17.09 1.88 -13.08
C THR A 408 16.74 0.40 -13.21
N PHE A 409 15.75 0.15 -14.09
CA PHE A 409 15.24 -1.18 -14.34
C PHE A 409 14.52 -1.41 -15.64
N ASP A 410 14.24 -2.69 -15.84
CA ASP A 410 13.56 -3.28 -16.99
C ASP A 410 12.15 -3.67 -16.55
N VAL A 411 12.02 -4.76 -15.82
CA VAL A 411 10.73 -5.22 -15.32
C VAL A 411 10.94 -5.51 -13.83
N ALA A 412 9.95 -5.21 -13.00
CA ALA A 412 10.04 -5.49 -11.60
C ALA A 412 8.78 -6.14 -11.06
N ARG A 413 8.96 -7.06 -10.11
CA ARG A 413 7.80 -7.65 -9.42
C ARG A 413 7.10 -6.51 -8.71
N ALA A 414 5.78 -6.52 -8.55
CA ALA A 414 5.11 -5.40 -7.92
C ALA A 414 3.80 -5.81 -7.29
N GLY A 415 3.40 -4.98 -6.30
CA GLY A 415 2.09 -5.22 -5.67
C GLY A 415 1.63 -3.87 -5.14
N TRP A 416 0.44 -3.45 -5.61
CA TRP A 416 -0.09 -2.18 -5.08
C TRP A 416 -1.32 -2.55 -4.26
N CYS A 417 -1.43 -2.01 -3.05
CA CYS A 417 -2.57 -2.24 -2.19
C CYS A 417 -3.31 -0.90 -2.01
N ALA A 418 -4.62 -0.94 -2.07
CA ALA A 418 -5.37 0.31 -1.89
C ALA A 418 -5.00 1.07 -0.62
N ASP A 419 -5.10 2.40 -0.73
CA ASP A 419 -4.93 3.30 0.41
C ASP A 419 -6.31 3.73 0.94
N TYR A 420 -7.29 3.71 0.06
CA TYR A 420 -8.70 3.97 0.31
C TYR A 420 -9.51 3.12 -0.69
N ASN A 421 -10.66 2.64 -0.27
CA ASN A 421 -11.47 1.75 -1.08
C ASN A 421 -12.32 2.42 -2.14
N GLU A 422 -11.67 2.80 -3.24
CA GLU A 422 -12.30 3.47 -4.40
C GLU A 422 -11.28 3.30 -5.51
N PRO A 423 -11.69 3.08 -6.76
CA PRO A 423 -10.80 2.80 -7.86
C PRO A 423 -9.69 3.80 -8.08
N THR A 424 -9.89 5.07 -7.75
CA THR A 424 -8.81 6.05 -7.98
C THR A 424 -7.62 5.80 -7.06
N SER A 425 -7.80 5.05 -5.97
CA SER A 425 -6.66 4.71 -5.13
C SER A 425 -5.64 3.91 -5.95
N PHE A 426 -6.11 3.15 -6.93
CA PHE A 426 -5.18 2.53 -7.87
C PHE A 426 -4.91 3.45 -9.06
N LEU A 427 -5.98 3.88 -9.76
CA LEU A 427 -5.83 4.58 -11.03
C LEU A 427 -5.04 5.86 -11.00
N ASN A 428 -5.10 6.61 -9.91
CA ASN A 428 -4.35 7.85 -9.78
C ASN A 428 -2.84 7.62 -9.84
N THR A 429 -2.39 6.41 -9.48
CA THR A 429 -0.96 6.12 -9.50
C THR A 429 -0.41 5.95 -10.91
N MET A 430 -1.26 5.85 -11.93
CA MET A 430 -0.84 5.80 -13.32
C MET A 430 -0.96 7.14 -14.04
N LEU A 431 -1.34 8.21 -13.32
CA LEU A 431 -1.38 9.54 -13.94
C LEU A 431 0.04 9.96 -14.31
N SER A 432 0.21 10.65 -15.43
CA SER A 432 1.53 11.06 -15.90
C SER A 432 2.40 11.69 -14.84
N ASP A 433 1.83 12.60 -14.06
CA ASP A 433 2.63 13.29 -13.06
C ASP A 433 2.52 12.71 -11.66
N SER A 434 1.98 11.51 -11.47
CA SER A 434 1.87 11.00 -10.10
C SER A 434 3.22 10.68 -9.51
N SER A 435 3.44 11.07 -8.26
CA SER A 435 4.64 10.75 -7.52
C SER A 435 4.72 9.26 -7.26
N ASN A 436 3.62 8.51 -7.36
CA ASN A 436 3.62 7.07 -7.20
C ASN A 436 3.81 6.31 -8.51
N ASN A 437 3.98 7.00 -9.64
CA ASN A 437 4.07 6.29 -10.92
C ASN A 437 5.47 5.75 -11.20
N THR A 438 5.73 4.54 -10.72
CA THR A 438 7.00 3.88 -10.96
C THR A 438 6.93 3.01 -12.20
N ALA A 439 5.75 2.89 -12.85
CA ALA A 439 5.70 2.24 -14.15
C ALA A 439 6.29 3.22 -15.18
N HIS A 440 6.38 4.51 -14.84
CA HIS A 440 6.83 5.59 -15.69
C HIS A 440 6.00 5.65 -16.96
N TYR A 441 4.70 5.42 -16.80
CA TYR A 441 3.70 5.45 -17.86
C TYR A 441 3.11 6.84 -17.95
N LYS A 442 3.01 7.34 -19.20
CA LYS A 442 2.50 8.69 -19.42
C LYS A 442 1.54 8.64 -20.61
N SER A 443 0.27 8.67 -20.29
CA SER A 443 -0.76 8.66 -21.34
C SER A 443 -1.73 9.80 -21.12
N PRO A 444 -1.74 10.78 -22.05
CA PRO A 444 -2.69 11.88 -22.03
C PRO A 444 -4.11 11.35 -22.07
N ALA A 445 -4.34 10.25 -22.79
CA ALA A 445 -5.69 9.70 -22.91
C ALA A 445 -6.14 9.13 -21.57
N PHE A 446 -5.23 8.43 -20.91
CA PHE A 446 -5.54 7.89 -19.58
C PHE A 446 -5.81 9.04 -18.62
N ASP A 447 -4.96 10.06 -18.61
CA ASP A 447 -5.07 11.19 -17.72
C ASP A 447 -6.42 11.91 -17.85
N LYS A 448 -6.83 12.10 -19.11
CA LYS A 448 -8.12 12.76 -19.36
C LYS A 448 -9.28 11.92 -18.87
N LEU A 449 -9.23 10.59 -19.02
CA LEU A 449 -10.32 9.76 -18.49
C LEU A 449 -10.48 9.95 -16.99
N ILE A 450 -9.36 9.98 -16.25
CA ILE A 450 -9.46 10.17 -14.82
C ILE A 450 -9.92 11.58 -14.43
N ALA A 451 -9.42 12.61 -15.05
CA ALA A 451 -9.79 14.00 -14.75
C ALA A 451 -11.30 14.15 -14.90
N ASP A 452 -11.88 13.54 -15.92
CA ASP A 452 -13.31 13.57 -16.16
C ASP A 452 -14.15 12.91 -15.07
N THR A 453 -13.62 12.03 -14.23
CA THR A 453 -14.39 11.37 -13.20
C THR A 453 -14.93 12.31 -12.12
N LEU A 454 -14.29 13.41 -11.79
CA LEU A 454 -14.82 14.31 -10.78
C LEU A 454 -15.50 15.51 -11.44
N LYS A 455 -15.77 15.43 -12.73
CA LYS A 455 -16.47 16.47 -13.48
C LYS A 455 -17.90 16.05 -13.79
N VAL A 456 -18.24 14.85 -13.35
CA VAL A 456 -19.58 14.30 -13.40
C VAL A 456 -19.96 14.17 -11.91
N ALA A 457 -21.23 14.22 -11.58
CA ALA A 457 -21.68 14.10 -10.19
C ALA A 457 -22.56 12.85 -10.16
N ASP A 458 -22.09 11.85 -10.89
CA ASP A 458 -22.81 10.60 -11.09
C ASP A 458 -21.89 9.41 -10.91
N ASP A 459 -22.24 8.45 -10.08
CA ASP A 459 -21.46 7.24 -9.85
C ASP A 459 -21.40 6.32 -11.06
N THR A 460 -22.48 6.17 -11.82
CA THR A 460 -22.43 5.28 -12.98
C THR A 460 -21.49 5.82 -14.05
N GLN A 461 -21.55 7.13 -14.31
CA GLN A 461 -20.61 7.70 -15.29
C GLN A 461 -19.20 7.57 -14.75
N ARG A 462 -19.06 7.75 -13.43
CA ARG A 462 -17.74 7.61 -12.79
C ARG A 462 -17.23 6.18 -12.96
N SER A 463 -18.04 5.16 -12.68
CA SER A 463 -17.64 3.77 -12.84
C SER A 463 -17.31 3.38 -14.27
N GLU A 464 -18.05 3.96 -15.24
CA GLU A 464 -17.80 3.65 -16.65
C GLU A 464 -16.46 4.24 -17.07
N LEU A 465 -16.12 5.40 -16.53
CA LEU A 465 -14.85 6.04 -16.86
C LEU A 465 -13.68 5.27 -16.22
N TYR A 466 -13.91 4.69 -15.05
CA TYR A 466 -12.82 3.90 -14.46
C TYR A 466 -12.59 2.65 -15.31
N ALA A 467 -13.70 2.07 -15.79
CA ALA A 467 -13.63 0.89 -16.64
C ALA A 467 -12.86 1.24 -17.92
N LYS A 468 -13.14 2.42 -18.47
CA LYS A 468 -12.49 2.87 -19.69
C LYS A 468 -11.00 3.14 -19.43
N ALA A 469 -10.73 3.69 -18.24
CA ALA A 469 -9.33 3.95 -17.85
C ALA A 469 -8.57 2.63 -17.80
N GLU A 470 -9.17 1.57 -17.23
CA GLU A 470 -8.51 0.28 -17.20
C GLU A 470 -8.36 -0.24 -18.61
N GLN A 471 -9.37 -0.03 -19.47
CA GLN A 471 -9.20 -0.44 -20.87
C GLN A 471 -8.06 0.31 -21.53
N GLN A 472 -7.84 1.60 -21.27
CA GLN A 472 -6.70 2.30 -21.88
C GLN A 472 -5.39 1.70 -21.37
N LEU A 473 -5.32 1.47 -20.06
CA LEU A 473 -4.11 0.88 -19.49
C LEU A 473 -3.76 -0.46 -20.13
N ASP A 474 -4.75 -1.32 -20.31
CA ASP A 474 -4.62 -2.64 -20.88
C ASP A 474 -4.23 -2.56 -22.36
N LYS A 475 -4.89 -1.65 -23.06
CA LYS A 475 -4.55 -1.39 -24.47
C LYS A 475 -3.08 -1.09 -24.64
N ASP A 476 -2.53 -0.24 -23.78
CA ASP A 476 -1.13 0.16 -23.80
C ASP A 476 -0.22 -0.84 -23.10
N SER A 477 -0.79 -1.85 -22.45
CA SER A 477 -0.04 -2.85 -21.70
C SER A 477 1.01 -2.16 -20.84
N ALA A 478 0.55 -1.24 -19.99
CA ALA A 478 1.48 -0.54 -19.12
C ALA A 478 2.10 -1.54 -18.14
N ILE A 479 1.32 -2.53 -17.70
CA ILE A 479 1.80 -3.54 -16.75
C ILE A 479 1.44 -4.95 -17.19
N VAL A 480 1.94 -5.94 -16.47
CA VAL A 480 1.58 -7.34 -16.66
C VAL A 480 0.82 -7.77 -15.39
N PRO A 481 -0.51 -7.77 -15.43
CA PRO A 481 -1.30 -8.19 -14.29
C PRO A 481 -1.12 -9.68 -14.07
N VAL A 482 -0.91 -10.09 -12.82
CA VAL A 482 -0.74 -11.51 -12.53
C VAL A 482 -1.89 -12.09 -11.73
N TYR A 483 -2.10 -11.61 -10.50
CA TYR A 483 -3.20 -12.10 -9.70
C TYR A 483 -3.70 -11.04 -8.72
N TYR A 484 -4.95 -11.21 -8.29
CA TYR A 484 -5.45 -10.34 -7.21
C TYR A 484 -5.13 -11.07 -5.92
N TYR A 485 -4.47 -10.40 -4.98
CA TYR A 485 -4.10 -11.08 -3.77
C TYR A 485 -5.27 -11.49 -2.88
N VAL A 486 -4.98 -12.51 -2.07
CA VAL A 486 -5.82 -12.78 -0.91
C VAL A 486 -4.90 -12.39 0.28
N ASN A 487 -5.47 -12.04 1.40
CA ASN A 487 -4.70 -11.68 2.59
C ASN A 487 -4.58 -12.95 3.44
N ALA A 488 -3.45 -13.63 3.31
CA ALA A 488 -3.21 -14.89 4.00
C ALA A 488 -2.08 -14.74 4.99
N ARG A 489 -2.34 -15.10 6.25
CA ARG A 489 -1.34 -14.96 7.29
C ARG A 489 -1.67 -15.95 8.40
N LEU A 490 -0.70 -16.15 9.28
CA LEU A 490 -1.00 -17.02 10.44
C LEU A 490 -1.17 -16.14 11.68
N VAL A 491 -2.16 -16.44 12.51
CA VAL A 491 -2.45 -15.65 13.72
C VAL A 491 -2.68 -16.61 14.88
N LYS A 492 -1.92 -16.48 15.96
CA LYS A 492 -2.08 -17.44 17.08
C LYS A 492 -3.50 -17.38 17.60
N PRO A 493 -3.99 -18.48 18.18
CA PRO A 493 -5.34 -18.57 18.70
C PRO A 493 -5.58 -17.60 19.84
N TRP A 494 -4.54 -17.16 20.54
CA TRP A 494 -4.68 -16.25 21.65
C TRP A 494 -4.62 -14.79 21.22
N VAL A 495 -4.46 -14.50 19.92
CA VAL A 495 -4.48 -13.08 19.53
C VAL A 495 -5.94 -12.74 19.22
N GLY A 496 -6.54 -11.90 20.06
CA GLY A 496 -7.91 -11.49 19.82
C GLY A 496 -7.98 -10.15 19.13
N GLY A 497 -9.10 -9.87 18.46
CA GLY A 497 -9.31 -8.55 17.88
C GLY A 497 -9.07 -8.41 16.40
N TYR A 498 -8.58 -9.45 15.76
CA TYR A 498 -8.27 -9.39 14.33
C TYR A 498 -9.42 -10.07 13.58
N THR A 499 -10.27 -9.26 12.95
CA THR A 499 -11.42 -9.75 12.25
C THR A 499 -11.10 -10.31 10.87
N GLY A 500 -10.19 -9.69 10.14
CA GLY A 500 -9.91 -10.07 8.75
C GLY A 500 -10.95 -9.46 7.80
N LYS A 501 -11.88 -8.65 8.29
CA LYS A 501 -12.95 -8.07 7.50
C LYS A 501 -12.54 -6.81 6.75
N ASP A 502 -11.38 -6.24 7.07
CA ASP A 502 -10.96 -5.01 6.38
C ASP A 502 -10.17 -5.41 5.16
N PRO A 503 -10.66 -5.04 3.97
CA PRO A 503 -9.99 -5.39 2.74
C PRO A 503 -8.73 -4.57 2.52
N LEU A 504 -8.49 -3.58 3.38
CA LEU A 504 -7.29 -2.78 3.31
C LEU A 504 -6.26 -3.28 4.32
N ASP A 505 -6.66 -4.12 5.25
CA ASP A 505 -5.79 -4.64 6.30
C ASP A 505 -5.12 -3.51 7.09
N ASN A 506 -5.91 -2.52 7.48
CA ASN A 506 -5.36 -1.41 8.29
C ASN A 506 -5.42 -1.75 9.78
N ILE A 507 -4.56 -2.69 10.21
CA ILE A 507 -4.55 -3.11 11.61
C ILE A 507 -3.95 -2.08 12.53
N TYR A 508 -4.54 -1.95 13.71
CA TYR A 508 -4.03 -1.09 14.77
C TYR A 508 -3.78 -2.04 15.96
N VAL A 509 -2.56 -2.04 16.50
CA VAL A 509 -2.28 -2.91 17.65
C VAL A 509 -3.06 -2.50 18.89
N LYS A 510 -3.55 -1.25 18.95
CA LYS A 510 -4.45 -0.83 20.03
C LYS A 510 -5.77 -1.60 20.07
N ASN A 511 -6.19 -2.28 19.02
CA ASN A 511 -7.41 -3.03 18.95
C ASN A 511 -7.25 -4.51 19.33
N LEU A 512 -6.03 -4.97 19.49
CA LEU A 512 -5.81 -6.39 19.77
C LEU A 512 -5.66 -6.67 21.24
N TYR A 513 -5.67 -7.95 21.60
CA TYR A 513 -5.49 -8.33 23.00
C TYR A 513 -4.98 -9.77 23.06
N ILE A 514 -4.27 -10.10 24.14
CA ILE A 514 -3.77 -11.46 24.29
C ILE A 514 -4.67 -12.24 25.26
N ILE A 515 -5.24 -13.32 24.73
CA ILE A 515 -6.12 -14.19 25.56
C ILE A 515 -5.20 -15.06 26.42
N LYS A 516 -5.62 -15.34 27.65
CA LYS A 516 -4.85 -16.16 28.55
C LYS A 516 -4.61 -17.54 27.94
N HIS A 517 -3.35 -17.98 27.98
CA HIS A 517 -3.09 -19.31 27.43
C HIS A 517 -1.89 -19.91 28.13
N LYS B 1 -0.52 1.89 -1.47
CA LYS B 1 0.82 1.64 -0.83
C LYS B 1 1.47 0.41 -1.46
N HPE B 2 2.79 0.37 -1.51
CA HPE B 2 3.49 -0.74 -2.13
C HPE B 2 3.68 -1.97 -1.23
O HPE B 2 4.03 -1.84 -0.07
CB HPE B 2 4.89 -0.28 -2.62
CG HPE B 2 4.75 0.80 -3.70
CD HPE B 2 6.06 1.30 -4.25
CE1 HPE B 2 6.82 2.26 -3.63
CE2 HPE B 2 6.48 0.77 -5.46
CZ1 HPE B 2 8.03 2.70 -4.16
CZ2 HPE B 2 7.68 1.21 -6.00
CH HPE B 2 8.48 2.17 -5.38
N LYS B 3 3.44 -3.14 -1.81
CA LYS B 3 3.63 -4.39 -1.08
C LYS B 3 4.66 -5.27 -1.79
U IUM C . -19.48 2.21 -0.43
U IUM D . -22.26 8.16 -0.66
U IUM E . -22.88 9.98 -4.34
U IUM F . 13.22 -21.73 0.15
U IUM G . 18.94 -4.69 -18.23
U IUM H . 0.79 -20.61 29.69
U IUM I . 3.16 -17.89 31.54
U IUM J . 1.85 -14.36 35.77
#